data_9UAP
#
_entry.id   9UAP
#
_cell.length_a   1.00
_cell.length_b   1.00
_cell.length_c   1.00
_cell.angle_alpha   90.00
_cell.angle_beta   90.00
_cell.angle_gamma   90.00
#
_symmetry.space_group_name_H-M   'P 1'
#
loop_
_entity.id
_entity.type
_entity.pdbx_description
1 polymer 'M1 muscarinic acetylcholine receptor, de novo design protein'
2 polymer 'Guanine nucleotide-binding protein subunit alpha-11'
#
loop_
_entity_poly.entity_id
_entity_poly.type
_entity_poly.pdbx_seq_one_letter_code
_entity_poly.pdbx_strand_id
1 'polypeptide(L)'
;VAFIGITTGLLSLATVTGNLLVLISFKVNTELKTVNNYFLLSLACADLIIGTFSMNLYTTYLLMGHWALGTLACDLWLAL
DYVASNASVMNLLLISFDRYFSVTRPLSYRAKRTPRRAALMIGLAWLVSFVLWAPAILFWQYLVGERTVLAGQCYIQFLS
QPIITFGTAMAAFYLPVTVMCTLYWRIYRETKRAGERLAKLLEKFEALPLEDIVAALKALLATNRPEIQLAVKTIVENFP
EIKKEAEKLTPEQKAKLAALEAQLADLPEELRKVLLSMYLTGLLYGGSEENRKRAIEKAARTLSAILLAFILTWTPYNIM
VLVSTFCKDCVPETLWELGYWLCYVNSTINPMCYALCNKAFRDTFRLLLLCR
;
A
2 'polypeptide(L)' TPENIRFVFAAVKDTILQLNLKEYNLV B
#
# COMPACT_ATOMS: atom_id res chain seq x y z
N VAL A 1 31.05 -14.75 -16.22
CA VAL A 1 31.04 -13.29 -16.31
C VAL A 1 29.79 -12.84 -17.06
N ALA A 2 29.45 -13.57 -18.13
CA ALA A 2 28.27 -13.21 -18.91
C ALA A 2 27.00 -13.34 -18.08
N PHE A 3 26.92 -14.39 -17.26
CA PHE A 3 25.70 -14.63 -16.49
C PHE A 3 25.41 -13.48 -15.55
N ILE A 4 26.44 -12.97 -14.87
CA ILE A 4 26.23 -11.88 -13.91
C ILE A 4 25.69 -10.64 -14.62
N GLY A 5 26.33 -10.26 -15.73
CA GLY A 5 25.88 -9.09 -16.46
C GLY A 5 24.54 -9.26 -17.12
N ILE A 6 24.16 -10.50 -17.42
CA ILE A 6 22.87 -10.77 -18.06
C ILE A 6 21.73 -10.87 -17.04
N THR A 7 22.02 -11.24 -15.80
CA THR A 7 21.00 -11.28 -14.77
C THR A 7 20.80 -9.92 -14.10
N THR A 8 21.66 -8.95 -14.36
CA THR A 8 21.52 -7.61 -13.80
C THR A 8 20.89 -6.63 -14.78
N GLY A 9 21.29 -6.65 -16.05
CA GLY A 9 20.74 -5.75 -17.03
C GLY A 9 19.26 -5.96 -17.23
N LEU A 10 18.84 -7.23 -17.32
CA LEU A 10 17.44 -7.53 -17.47
C LEU A 10 16.64 -7.04 -16.27
N LEU A 11 17.16 -7.27 -15.06
CA LEU A 11 16.47 -6.81 -13.86
C LEU A 11 16.35 -5.29 -13.85
N SER A 12 17.42 -4.59 -14.19
CA SER A 12 17.38 -3.13 -14.21
C SER A 12 16.36 -2.64 -15.23
N LEU A 13 16.36 -3.22 -16.43
CA LEU A 13 15.40 -2.80 -17.44
C LEU A 13 13.97 -3.06 -16.97
N ALA A 14 13.73 -4.23 -16.38
CA ALA A 14 12.40 -4.54 -15.90
C ALA A 14 11.93 -3.54 -14.85
N THR A 15 12.78 -3.27 -13.85
CA THR A 15 12.38 -2.34 -12.81
C THR A 15 12.14 -0.95 -13.39
N VAL A 16 13.04 -0.48 -14.25
CA VAL A 16 12.90 0.87 -14.80
C VAL A 16 11.62 0.99 -15.61
N THR A 17 11.36 0.03 -16.50
CA THR A 17 10.16 0.13 -17.32
C THR A 17 8.90 -0.02 -16.48
N GLY A 18 8.92 -0.91 -15.49
CA GLY A 18 7.73 -1.09 -14.66
C GLY A 18 7.38 0.17 -13.89
N ASN A 19 8.38 0.82 -13.30
CA ASN A 19 8.07 2.03 -12.55
C ASN A 19 7.75 3.21 -13.47
N LEU A 20 8.41 3.30 -14.62
CA LEU A 20 8.11 4.38 -15.55
C LEU A 20 6.69 4.26 -16.09
N LEU A 21 6.23 3.02 -16.33
CA LEU A 21 4.87 2.84 -16.81
C LEU A 21 3.86 3.35 -15.78
N VAL A 22 4.08 3.03 -14.50
CA VAL A 22 3.18 3.53 -13.46
C VAL A 22 3.22 5.05 -13.40
N LEU A 23 4.43 5.62 -13.44
CA LEU A 23 4.55 7.06 -13.34
C LEU A 23 3.82 7.75 -14.49
N ILE A 24 3.94 7.21 -15.70
CA ILE A 24 3.23 7.78 -16.84
C ILE A 24 1.73 7.56 -16.70
N SER A 25 1.31 6.39 -16.25
CA SER A 25 -0.12 6.10 -16.12
C SER A 25 -0.78 7.07 -15.16
N PHE A 26 -0.11 7.39 -14.05
CA PHE A 26 -0.69 8.35 -13.11
C PHE A 26 -0.97 9.69 -13.76
N LYS A 27 -0.30 9.99 -14.87
CA LYS A 27 -0.54 11.22 -15.64
C LYS A 27 -0.92 10.90 -17.08
N VAL A 28 -1.39 9.68 -17.33
CA VAL A 28 -1.76 9.27 -18.68
C VAL A 28 -3.27 9.06 -18.75
N ASN A 29 -3.91 8.93 -17.59
CA ASN A 29 -5.35 8.77 -17.52
C ASN A 29 -5.89 9.58 -16.35
N THR A 30 -7.16 9.97 -16.44
CA THR A 30 -7.82 10.74 -15.41
C THR A 30 -8.45 9.87 -14.33
N GLU A 31 -8.49 8.55 -14.55
CA GLU A 31 -9.16 7.64 -13.64
C GLU A 31 -8.32 7.26 -12.43
N LEU A 32 -6.99 7.22 -12.57
CA LEU A 32 -6.10 6.86 -11.47
C LEU A 32 -5.62 8.05 -10.66
N LYS A 33 -6.09 9.25 -10.97
CA LYS A 33 -5.61 10.46 -10.31
C LYS A 33 -6.08 10.54 -8.87
N THR A 34 -6.95 9.61 -8.46
CA THR A 34 -7.49 9.62 -7.11
C THR A 34 -6.38 9.82 -6.07
N VAL A 35 -6.72 10.49 -4.98
CA VAL A 35 -5.73 10.82 -3.96
C VAL A 35 -5.09 9.56 -3.39
N ASN A 36 -5.84 8.46 -3.37
CA ASN A 36 -5.30 7.21 -2.81
C ASN A 36 -4.07 6.73 -3.57
N ASN A 37 -3.88 7.19 -4.81
CA ASN A 37 -2.80 6.69 -5.66
C ASN A 37 -1.50 7.46 -5.50
N TYR A 38 -1.48 8.55 -4.73
CA TYR A 38 -0.25 9.32 -4.60
C TYR A 38 0.85 8.51 -3.93
N PHE A 39 0.51 7.74 -2.90
CA PHE A 39 1.50 6.89 -2.26
C PHE A 39 2.12 5.92 -3.27
N LEU A 40 1.29 5.33 -4.12
CA LEU A 40 1.80 4.46 -5.17
C LEU A 40 2.79 5.21 -6.06
N LEU A 41 2.46 6.46 -6.42
CA LEU A 41 3.35 7.22 -7.29
C LEU A 41 4.68 7.48 -6.62
N SER A 42 4.67 7.85 -5.34
CA SER A 42 5.92 8.10 -4.64
C SER A 42 6.75 6.83 -4.56
N LEU A 43 6.10 5.71 -4.25
CA LEU A 43 6.81 4.45 -4.16
C LEU A 43 7.42 4.08 -5.51
N ALA A 44 6.67 4.27 -6.59
CA ALA A 44 7.19 3.98 -7.92
C ALA A 44 8.37 4.87 -8.27
N CYS A 45 8.31 6.15 -7.89
CA CYS A 45 9.42 7.05 -8.17
C CYS A 45 10.68 6.61 -7.42
N ALA A 46 10.54 6.25 -6.14
CA ALA A 46 11.70 5.79 -5.39
C ALA A 46 12.28 4.51 -5.99
N ASP A 47 11.40 3.57 -6.35
CA ASP A 47 11.88 2.35 -6.97
C ASP A 47 12.57 2.62 -8.30
N LEU A 48 12.06 3.57 -9.09
CA LEU A 48 12.70 3.92 -10.34
C LEU A 48 14.08 4.50 -10.10
N ILE A 49 14.21 5.37 -9.09
CA ILE A 49 15.52 5.91 -8.77
C ILE A 49 16.49 4.79 -8.44
N ILE A 50 16.05 3.84 -7.62
CA ILE A 50 16.91 2.71 -7.27
C ILE A 50 17.30 1.95 -8.54
N GLY A 51 16.32 1.61 -9.36
CA GLY A 51 16.57 0.76 -10.51
C GLY A 51 17.38 1.42 -11.61
N THR A 52 17.40 2.75 -11.65
CA THR A 52 18.11 3.47 -12.70
C THR A 52 19.46 3.99 -12.27
N PHE A 53 19.70 4.20 -10.97
CA PHE A 53 20.98 4.74 -10.51
C PHE A 53 21.74 3.83 -9.57
N SER A 54 21.18 2.71 -9.12
CA SER A 54 21.86 1.82 -8.19
C SER A 54 22.14 0.44 -8.77
N MET A 55 21.11 -0.24 -9.28
CA MET A 55 21.30 -1.60 -9.78
C MET A 55 22.39 -1.64 -10.85
N ASN A 56 22.26 -0.79 -11.88
CA ASN A 56 23.24 -0.78 -12.95
C ASN A 56 24.61 -0.38 -12.43
N LEU A 57 24.67 0.69 -11.63
CA LEU A 57 25.94 1.17 -11.12
C LEU A 57 26.56 0.20 -10.12
N TYR A 58 25.76 -0.55 -9.36
CA TYR A 58 26.33 -1.54 -8.44
C TYR A 58 26.87 -2.70 -9.25
N THR A 59 26.10 -3.14 -10.25
CA THR A 59 26.60 -4.23 -11.09
C THR A 59 27.91 -3.85 -11.75
N THR A 60 28.04 -2.57 -12.15
CA THR A 60 29.30 -2.12 -12.74
C THR A 60 30.46 -2.29 -11.75
N TYR A 61 30.25 -1.88 -10.50
CA TYR A 61 31.32 -1.97 -9.51
C TYR A 61 31.60 -3.42 -9.12
N LEU A 62 30.57 -4.26 -9.09
CA LEU A 62 30.78 -5.67 -8.75
C LEU A 62 31.50 -6.42 -9.85
N LEU A 63 31.21 -6.09 -11.12
CA LEU A 63 31.85 -6.78 -12.23
C LEU A 63 33.36 -6.52 -12.22
N MET A 64 33.77 -5.26 -12.11
CA MET A 64 35.17 -4.92 -12.01
C MET A 64 35.58 -4.92 -10.53
N GLY A 65 36.83 -4.60 -10.24
CA GLY A 65 37.37 -4.73 -8.91
C GLY A 65 37.31 -3.51 -8.03
N HIS A 66 36.78 -2.39 -8.50
CA HIS A 66 36.82 -1.17 -7.70
C HIS A 66 35.93 -0.11 -8.31
N TRP A 67 35.35 0.73 -7.45
CA TRP A 67 34.59 1.90 -7.89
C TRP A 67 35.55 3.07 -8.12
N ALA A 68 36.25 3.01 -9.24
CA ALA A 68 37.33 3.96 -9.54
C ALA A 68 36.80 5.32 -9.99
N LEU A 69 35.51 5.56 -9.82
CA LEU A 69 34.96 6.85 -10.20
C LEU A 69 35.32 7.97 -9.22
N GLY A 70 36.16 7.73 -8.23
CA GLY A 70 36.64 8.77 -7.35
C GLY A 70 35.90 8.79 -6.02
N THR A 71 36.49 9.48 -5.05
CA THR A 71 35.91 9.60 -3.72
C THR A 71 34.61 10.39 -3.71
N LEU A 72 34.34 11.20 -4.73
CA LEU A 72 33.10 11.95 -4.81
C LEU A 72 31.97 11.05 -5.27
N ALA A 73 32.15 10.42 -6.43
CA ALA A 73 31.13 9.59 -7.04
C ALA A 73 30.72 8.47 -6.10
N CYS A 74 31.70 7.81 -5.47
CA CYS A 74 31.37 6.70 -4.58
C CYS A 74 30.46 7.15 -3.45
N ASP A 75 30.85 8.21 -2.74
CA ASP A 75 30.04 8.67 -1.62
C ASP A 75 28.68 9.15 -2.09
N LEU A 76 28.62 9.90 -3.19
CA LEU A 76 27.35 10.43 -3.64
C LEU A 76 26.40 9.32 -4.07
N TRP A 77 26.90 8.36 -4.85
CA TRP A 77 26.07 7.23 -5.25
C TRP A 77 25.61 6.44 -4.04
N LEU A 78 26.49 6.24 -3.06
CA LEU A 78 26.11 5.49 -1.86
C LEU A 78 25.00 6.20 -1.11
N ALA A 79 25.13 7.51 -0.93
CA ALA A 79 24.10 8.27 -0.24
C ALA A 79 22.79 8.23 -1.00
N LEU A 80 22.84 8.37 -2.33
CA LEU A 80 21.63 8.32 -3.12
C LEU A 80 20.95 6.95 -2.99
N ASP A 81 21.75 5.88 -3.03
CA ASP A 81 21.19 4.54 -2.92
C ASP A 81 20.51 4.33 -1.58
N TYR A 82 21.18 4.71 -0.49
CA TYR A 82 20.59 4.50 0.82
C TYR A 82 19.36 5.36 1.02
N VAL A 83 19.40 6.61 0.55
CA VAL A 83 18.23 7.48 0.66
C VAL A 83 17.06 6.89 -0.11
N ALA A 84 17.32 6.37 -1.30
CA ALA A 84 16.24 5.78 -2.09
C ALA A 84 15.68 4.54 -1.40
N SER A 85 16.55 3.72 -0.81
CA SER A 85 16.07 2.52 -0.12
C SER A 85 15.18 2.89 1.05
N ASN A 86 15.61 3.84 1.87
CA ASN A 86 14.76 4.22 3.00
C ASN A 86 13.51 4.94 2.54
N ALA A 87 13.58 5.64 1.40
CA ALA A 87 12.36 6.23 0.85
C ALA A 87 11.36 5.15 0.47
N SER A 88 11.85 4.07 -0.15
CA SER A 88 10.97 2.96 -0.49
C SER A 88 10.36 2.35 0.76
N VAL A 89 11.16 2.12 1.79
CA VAL A 89 10.63 1.52 3.01
C VAL A 89 9.61 2.44 3.66
N MET A 90 9.90 3.74 3.74
CA MET A 90 8.96 4.67 4.33
C MET A 90 7.66 4.73 3.54
N ASN A 91 7.75 4.71 2.21
CA ASN A 91 6.53 4.74 1.40
C ASN A 91 5.71 3.47 1.63
N LEU A 92 6.37 2.32 1.72
CA LEU A 92 5.64 1.09 2.01
C LEU A 92 4.94 1.18 3.36
N LEU A 93 5.66 1.68 4.37
CA LEU A 93 5.06 1.81 5.70
C LEU A 93 3.89 2.78 5.68
N LEU A 94 4.01 3.88 4.94
CA LEU A 94 2.93 4.85 4.85
C LEU A 94 1.71 4.25 4.17
N ILE A 95 1.94 3.47 3.12
CA ILE A 95 0.83 2.78 2.45
C ILE A 95 0.14 1.85 3.43
N SER A 96 0.93 1.13 4.23
CA SER A 96 0.34 0.27 5.25
C SER A 96 -0.48 1.06 6.25
N PHE A 97 0.03 2.21 6.69
CA PHE A 97 -0.70 3.03 7.66
C PHE A 97 -2.02 3.52 7.07
N ASP A 98 -1.99 3.98 5.83
CA ASP A 98 -3.22 4.42 5.18
C ASP A 98 -4.20 3.27 5.04
N ARG A 99 -3.71 2.09 4.66
CA ARG A 99 -4.60 0.94 4.57
C ARG A 99 -5.26 0.64 5.90
N TYR A 100 -4.48 0.68 6.99
CA TYR A 100 -5.06 0.37 8.30
C TYR A 100 -6.07 1.43 8.72
N PHE A 101 -5.78 2.69 8.47
CA PHE A 101 -6.68 3.76 8.89
C PHE A 101 -7.88 3.91 7.96
N SER A 102 -7.87 3.29 6.79
CA SER A 102 -9.00 3.36 5.88
C SER A 102 -10.04 2.28 6.15
N VAL A 103 -9.77 1.34 7.06
CA VAL A 103 -10.71 0.29 7.38
C VAL A 103 -11.16 0.33 8.84
N THR A 104 -10.50 1.12 9.69
CA THR A 104 -10.88 1.21 11.10
C THR A 104 -11.54 2.53 11.45
N ARG A 105 -11.31 3.59 10.68
CA ARG A 105 -11.96 4.89 10.88
C ARG A 105 -12.49 5.38 9.54
N PRO A 106 -13.44 4.66 8.95
CA PRO A 106 -13.84 4.98 7.56
C PRO A 106 -14.30 6.42 7.40
N LEU A 107 -15.36 6.79 8.12
CA LEU A 107 -15.90 8.13 7.98
C LEU A 107 -14.92 9.18 8.50
N SER A 108 -14.40 8.98 9.71
CA SER A 108 -13.49 9.94 10.32
C SER A 108 -12.27 10.18 9.44
N TYR A 109 -11.59 9.11 9.04
CA TYR A 109 -10.38 9.28 8.24
C TYR A 109 -10.69 9.85 6.87
N ARG A 110 -11.66 9.28 6.17
CA ARG A 110 -11.99 9.78 4.84
C ARG A 110 -12.34 11.26 4.87
N ALA A 111 -12.97 11.73 5.94
CA ALA A 111 -13.35 13.13 6.04
C ALA A 111 -12.30 14.01 6.71
N LYS A 112 -11.25 13.42 7.28
CA LYS A 112 -10.22 14.17 7.99
C LYS A 112 -8.91 14.26 7.24
N ARG A 113 -8.93 14.02 5.93
CA ARG A 113 -7.71 14.07 5.13
C ARG A 113 -8.05 14.23 3.66
N THR A 114 -7.71 15.39 3.08
CA THR A 114 -8.02 15.67 1.69
C THR A 114 -6.80 16.23 0.97
N PRO A 115 -6.41 15.63 -0.16
CA PRO A 115 -5.34 16.21 -0.98
C PRO A 115 -4.10 16.61 -0.18
N ARG A 116 -3.86 17.92 -0.03
CA ARG A 116 -2.63 18.45 0.52
C ARG A 116 -2.12 17.64 1.70
N ARG A 117 -3.01 17.27 2.61
CA ARG A 117 -2.59 16.50 3.78
C ARG A 117 -1.84 15.24 3.37
N ALA A 118 -2.32 14.54 2.34
CA ALA A 118 -1.60 13.37 1.86
C ALA A 118 -0.24 13.75 1.30
N ALA A 119 -0.19 14.77 0.45
CA ALA A 119 1.09 15.22 -0.08
C ALA A 119 2.00 15.67 1.06
N LEU A 120 1.43 16.30 2.08
CA LEU A 120 2.23 16.68 3.24
C LEU A 120 2.86 15.46 3.89
N MET A 121 2.08 14.39 4.07
CA MET A 121 2.62 13.19 4.70
C MET A 121 3.71 12.57 3.83
N ILE A 122 3.51 12.53 2.52
CA ILE A 122 4.51 11.94 1.63
C ILE A 122 5.80 12.73 1.71
N GLY A 123 5.70 14.06 1.63
CA GLY A 123 6.88 14.90 1.76
C GLY A 123 7.56 14.74 3.10
N LEU A 124 6.75 14.59 4.16
CA LEU A 124 7.33 14.37 5.49
C LEU A 124 8.13 13.09 5.53
N ALA A 125 7.60 12.01 4.95
CA ALA A 125 8.33 10.74 4.94
C ALA A 125 9.61 10.87 4.15
N TRP A 126 9.54 11.53 2.99
CA TRP A 126 10.74 11.72 2.17
C TRP A 126 11.80 12.52 2.94
N LEU A 127 11.38 13.60 3.59
CA LEU A 127 12.31 14.42 4.35
C LEU A 127 12.89 13.65 5.52
N VAL A 128 12.07 12.81 6.16
CA VAL A 128 12.57 11.99 7.25
C VAL A 128 13.68 11.08 6.75
N SER A 129 13.45 10.41 5.62
CA SER A 129 14.47 9.54 5.06
C SER A 129 15.75 10.33 4.75
N PHE A 130 15.60 11.49 4.11
CA PHE A 130 16.76 12.27 3.70
C PHE A 130 17.55 12.74 4.91
N VAL A 131 16.86 13.26 5.94
CA VAL A 131 17.56 13.77 7.11
C VAL A 131 18.21 12.62 7.87
N LEU A 132 17.57 11.45 7.91
CA LEU A 132 18.16 10.32 8.61
C LEU A 132 19.44 9.86 7.93
N TRP A 133 19.43 9.75 6.61
CA TRP A 133 20.56 9.12 5.91
C TRP A 133 21.52 10.11 5.26
N ALA A 134 21.04 10.95 4.35
CA ALA A 134 21.95 11.74 3.52
C ALA A 134 22.93 12.56 4.33
N PRO A 135 22.52 13.32 5.35
CA PRO A 135 23.49 14.16 6.06
C PRO A 135 24.59 13.37 6.73
N ALA A 136 24.20 12.39 7.56
CA ALA A 136 25.13 11.72 8.45
C ALA A 136 26.34 11.17 7.71
N ILE A 137 26.13 10.53 6.56
CA ILE A 137 27.23 9.86 5.88
C ILE A 137 28.31 10.86 5.46
N LEU A 138 27.92 11.91 4.75
CA LEU A 138 28.90 12.86 4.24
C LEU A 138 29.46 13.75 5.33
N PHE A 139 28.63 14.14 6.30
CA PHE A 139 29.14 14.87 7.46
C PHE A 139 30.17 14.05 8.23
N TRP A 140 29.97 12.73 8.34
CA TRP A 140 30.96 11.88 8.99
C TRP A 140 32.23 11.82 8.15
N GLN A 141 32.06 11.66 6.83
CA GLN A 141 33.22 11.66 5.95
C GLN A 141 34.05 12.93 6.13
N TYR A 142 33.38 14.06 6.37
CA TYR A 142 34.08 15.32 6.59
C TYR A 142 34.63 15.47 7.99
N LEU A 143 33.98 14.89 9.00
CA LEU A 143 34.31 15.13 10.39
C LEU A 143 35.10 13.99 11.04
N VAL A 144 35.18 12.83 10.40
CA VAL A 144 35.94 11.71 10.95
C VAL A 144 37.42 12.00 10.78
N GLY A 145 38.26 11.23 11.46
CA GLY A 145 39.69 11.40 11.37
C GLY A 145 40.16 11.43 9.93
N GLU A 146 39.63 10.53 9.12
CA GLU A 146 39.94 10.52 7.70
C GLU A 146 39.03 9.51 7.01
N ARG A 147 38.76 9.77 5.73
CA ARG A 147 37.95 8.86 4.93
C ARG A 147 38.79 7.62 4.64
N THR A 148 38.67 6.61 5.50
CA THR A 148 39.50 5.42 5.47
C THR A 148 38.61 4.20 5.25
N VAL A 149 38.34 3.90 4.00
CA VAL A 149 37.57 2.71 3.63
C VAL A 149 38.45 1.83 2.77
N LEU A 150 38.88 2.35 1.63
CA LEU A 150 39.80 1.63 0.75
C LEU A 150 40.09 2.50 -0.47
N ALA A 151 41.19 2.19 -1.16
CA ALA A 151 41.52 2.93 -2.37
C ALA A 151 40.53 2.68 -3.50
N GLY A 152 39.78 1.58 -3.45
CA GLY A 152 38.84 1.26 -4.51
C GLY A 152 37.51 0.74 -4.01
N GLN A 153 37.36 0.62 -2.70
CA GLN A 153 36.12 0.13 -2.11
C GLN A 153 35.11 1.27 -1.99
N CYS A 154 33.85 0.88 -1.80
CA CYS A 154 32.76 1.84 -1.65
C CYS A 154 31.84 1.55 -0.46
N TYR A 155 32.14 0.54 0.35
CA TYR A 155 31.30 0.25 1.50
C TYR A 155 31.38 1.40 2.52
N ILE A 156 30.26 1.65 3.18
CA ILE A 156 30.16 2.76 4.12
C ILE A 156 31.01 2.46 5.35
N GLN A 157 31.68 3.49 5.87
CA GLN A 157 32.51 3.32 7.06
C GLN A 157 31.66 3.20 8.33
N PHE A 158 30.38 3.56 8.24
CA PHE A 158 29.50 3.51 9.41
C PHE A 158 29.21 2.08 9.83
N LEU A 159 29.56 1.10 8.99
CA LEU A 159 29.27 -0.29 9.31
C LEU A 159 29.92 -0.70 10.63
N SER A 160 31.01 -0.06 11.03
CA SER A 160 31.68 -0.35 12.29
C SER A 160 31.23 0.69 13.32
N GLN A 161 29.98 0.53 13.78
CA GLN A 161 29.42 1.39 14.81
C GLN A 161 28.34 0.59 15.54
N PRO A 162 28.66 -0.04 16.67
CA PRO A 162 27.65 -0.83 17.37
C PRO A 162 26.46 0.00 17.82
N ILE A 163 26.71 1.26 18.17
CA ILE A 163 25.63 2.13 18.63
C ILE A 163 24.92 2.81 17.46
N ILE A 164 25.55 2.89 16.29
CA ILE A 164 24.97 3.54 15.13
C ILE A 164 24.50 2.52 14.09
N THR A 165 25.39 1.64 13.64
CA THR A 165 25.03 0.70 12.59
C THR A 165 23.83 -0.15 13.00
N PHE A 166 23.91 -0.79 14.17
CA PHE A 166 22.76 -1.53 14.67
C PHE A 166 21.58 -0.61 14.88
N GLY A 167 21.83 0.58 15.42
CA GLY A 167 20.73 1.51 15.65
C GLY A 167 20.04 1.92 14.38
N THR A 168 20.81 2.28 13.36
CA THR A 168 20.27 2.70 12.09
C THR A 168 19.50 1.56 11.44
N ALA A 169 20.09 0.36 11.45
CA ALA A 169 19.42 -0.78 10.85
C ALA A 169 18.09 -1.06 11.52
N MET A 170 18.06 -1.00 12.86
CA MET A 170 16.82 -1.20 13.58
C MET A 170 15.80 -0.13 13.23
N ALA A 171 16.19 1.14 13.30
CA ALA A 171 15.25 2.21 13.02
C ALA A 171 14.81 2.23 11.56
N ALA A 172 15.52 1.53 10.68
CA ALA A 172 15.19 1.52 9.27
C ALA A 172 14.32 0.32 8.88
N PHE A 173 14.54 -0.85 9.46
CA PHE A 173 13.76 -2.02 9.08
C PHE A 173 13.11 -2.72 10.26
N TYR A 174 13.79 -2.76 11.40
CA TYR A 174 13.22 -3.47 12.55
C TYR A 174 11.92 -2.84 13.01
N LEU A 175 11.77 -1.51 12.86
CA LEU A 175 10.51 -0.89 13.25
C LEU A 175 9.42 -1.11 12.21
N PRO A 176 9.59 -0.73 10.94
CA PRO A 176 8.55 -0.98 9.93
C PRO A 176 8.26 -2.44 9.66
N VAL A 177 9.24 -3.33 9.75
CA VAL A 177 9.04 -4.75 9.52
C VAL A 177 8.09 -5.36 10.54
N THR A 178 7.84 -4.69 11.66
CA THR A 178 6.88 -5.15 12.64
C THR A 178 5.60 -4.32 12.64
N VAL A 179 5.71 -3.02 12.38
CA VAL A 179 4.52 -2.17 12.30
C VAL A 179 3.64 -2.63 11.14
N MET A 180 4.25 -2.94 9.99
CA MET A 180 3.46 -3.43 8.87
C MET A 180 2.77 -4.73 9.24
N CYS A 181 3.48 -5.64 9.90
CA CYS A 181 2.89 -6.92 10.27
C CYS A 181 1.71 -6.72 11.20
N THR A 182 1.89 -5.92 12.24
CA THR A 182 0.82 -5.69 13.21
C THR A 182 -0.39 -5.04 12.53
N LEU A 183 -0.14 -4.02 11.71
CA LEU A 183 -1.24 -3.32 11.06
C LEU A 183 -2.01 -4.24 10.14
N TYR A 184 -1.32 -5.07 9.37
CA TYR A 184 -2.00 -5.94 8.42
C TYR A 184 -2.73 -7.07 9.16
N TRP A 185 -2.17 -7.53 10.27
CA TRP A 185 -2.87 -8.52 11.07
C TRP A 185 -4.17 -7.94 11.62
N ARG A 186 -4.11 -6.70 12.11
CA ARG A 186 -5.33 -6.04 12.59
C ARG A 186 -6.32 -5.84 11.46
N ILE A 187 -5.84 -5.54 10.26
CA ILE A 187 -6.73 -5.40 9.11
C ILE A 187 -7.44 -6.71 8.82
N TYR A 188 -6.69 -7.82 8.86
CA TYR A 188 -7.32 -9.13 8.65
C TYR A 188 -8.38 -9.40 9.70
N ARG A 189 -8.06 -9.13 10.96
CA ARG A 189 -9.03 -9.37 12.03
C ARG A 189 -10.28 -8.52 11.84
N GLU A 190 -10.12 -7.25 11.47
CA GLU A 190 -11.24 -6.33 11.34
C GLU A 190 -12.04 -6.55 10.08
N THR A 191 -11.46 -7.19 9.06
CA THR A 191 -12.25 -7.60 7.90
C THR A 191 -12.97 -8.92 8.12
N LYS A 192 -12.47 -9.80 8.99
CA LYS A 192 -13.28 -10.93 9.41
C LYS A 192 -14.46 -10.46 10.27
N ARG A 193 -14.17 -9.65 11.29
CA ARG A 193 -15.23 -9.12 12.13
C ARG A 193 -16.19 -8.26 11.33
N ALA A 194 -15.67 -7.55 10.32
CA ALA A 194 -16.54 -6.74 9.48
C ALA A 194 -17.57 -7.62 8.78
N GLY A 195 -17.13 -8.73 8.21
CA GLY A 195 -18.08 -9.65 7.58
C GLY A 195 -19.09 -10.18 8.56
N GLU A 196 -18.63 -10.57 9.75
CA GLU A 196 -19.55 -11.14 10.74
C GLU A 196 -20.62 -10.13 11.13
N ARG A 197 -20.20 -8.93 11.53
CA ARG A 197 -21.14 -7.90 11.97
C ARG A 197 -21.95 -7.33 10.81
N LEU A 198 -21.51 -7.51 9.56
CA LEU A 198 -22.32 -7.15 8.42
C LEU A 198 -23.42 -8.17 8.18
N ALA A 199 -23.12 -9.46 8.33
CA ALA A 199 -24.16 -10.48 8.21
C ALA A 199 -25.21 -10.28 9.29
N LYS A 200 -24.79 -10.06 10.54
CA LYS A 200 -25.75 -9.83 11.60
C LYS A 200 -26.61 -8.60 11.33
N LEU A 201 -25.97 -7.52 10.88
CA LEU A 201 -26.70 -6.30 10.58
C LEU A 201 -27.69 -6.51 9.44
N LEU A 202 -27.29 -7.29 8.43
CA LEU A 202 -28.19 -7.56 7.32
C LEU A 202 -29.40 -8.36 7.78
N GLU A 203 -29.18 -9.35 8.65
CA GLU A 203 -30.31 -10.11 9.18
C GLU A 203 -31.26 -9.19 9.94
N LYS A 204 -30.71 -8.31 10.78
CA LYS A 204 -31.56 -7.37 11.51
C LYS A 204 -32.32 -6.48 10.54
N PHE A 205 -31.65 -5.99 9.50
CA PHE A 205 -32.32 -5.20 8.48
C PHE A 205 -33.49 -5.96 7.87
N GLU A 206 -33.27 -7.23 7.54
CA GLU A 206 -34.35 -8.05 6.99
C GLU A 206 -35.51 -8.13 7.97
N ALA A 207 -35.21 -8.24 9.27
CA ALA A 207 -36.28 -8.29 10.26
C ALA A 207 -36.91 -6.92 10.49
N LEU A 208 -36.15 -5.83 10.30
CA LEU A 208 -36.64 -4.52 10.67
C LEU A 208 -37.68 -4.01 9.67
N PRO A 209 -38.58 -3.14 10.10
CA PRO A 209 -39.53 -2.52 9.15
C PRO A 209 -38.83 -1.60 8.17
N LEU A 210 -39.48 -1.40 7.02
CA LEU A 210 -38.90 -0.57 5.97
C LEU A 210 -39.19 0.91 6.21
N GLU A 211 -40.42 1.24 6.59
CA GLU A 211 -40.76 2.65 6.82
C GLU A 211 -39.89 3.25 7.92
N ASP A 212 -39.67 2.50 9.00
CA ASP A 212 -38.78 2.97 10.05
C ASP A 212 -37.36 3.15 9.52
N ILE A 213 -36.93 2.24 8.64
CA ILE A 213 -35.61 2.37 8.04
C ILE A 213 -35.50 3.69 7.30
N VAL A 214 -36.50 4.01 6.47
CA VAL A 214 -36.47 5.24 5.70
C VAL A 214 -36.47 6.44 6.63
N ALA A 215 -37.33 6.42 7.66
CA ALA A 215 -37.41 7.55 8.57
C ALA A 215 -36.08 7.78 9.28
N ALA A 216 -35.47 6.70 9.77
CA ALA A 216 -34.20 6.82 10.47
C ALA A 216 -33.11 7.34 9.54
N LEU A 217 -33.06 6.83 8.30
CA LEU A 217 -32.06 7.31 7.36
C LEU A 217 -32.25 8.79 7.08
N LYS A 218 -33.49 9.22 6.87
CA LYS A 218 -33.74 10.63 6.60
C LYS A 218 -33.35 11.50 7.77
N ALA A 219 -33.70 11.07 8.99
CA ALA A 219 -33.34 11.85 10.17
C ALA A 219 -31.84 11.95 10.33
N LEU A 220 -31.11 10.86 10.12
CA LEU A 220 -29.66 10.89 10.21
C LEU A 220 -29.08 11.81 9.16
N LEU A 221 -29.61 11.76 7.93
CA LEU A 221 -29.09 12.60 6.86
C LEU A 221 -29.34 14.08 7.13
N ALA A 222 -30.49 14.41 7.74
CA ALA A 222 -30.80 15.82 7.98
C ALA A 222 -29.75 16.46 8.89
N THR A 223 -29.35 15.75 9.95
CA THR A 223 -28.30 16.24 10.84
C THR A 223 -26.94 15.96 10.21
N ASN A 224 -26.68 16.67 9.11
CA ASN A 224 -25.45 16.44 8.36
C ASN A 224 -24.23 16.63 9.25
N ARG A 225 -23.38 15.62 9.28
CA ARG A 225 -22.13 15.68 10.02
C ARG A 225 -21.00 15.96 9.05
N PRO A 226 -19.78 16.21 9.54
CA PRO A 226 -18.67 16.48 8.61
C PRO A 226 -18.43 15.35 7.62
N GLU A 227 -18.58 14.09 8.05
CA GLU A 227 -18.24 12.95 7.22
C GLU A 227 -19.44 12.29 6.57
N ILE A 228 -20.63 12.38 7.16
CA ILE A 228 -21.79 11.70 6.60
C ILE A 228 -22.06 12.19 5.18
N GLN A 229 -21.88 13.48 4.93
CA GLN A 229 -22.04 14.00 3.58
C GLN A 229 -21.03 13.35 2.63
N LEU A 230 -19.79 13.20 3.08
CA LEU A 230 -18.78 12.57 2.23
C LEU A 230 -19.14 11.12 1.93
N ALA A 231 -19.61 10.37 2.93
CA ALA A 231 -20.01 9.00 2.69
C ALA A 231 -21.17 8.93 1.72
N VAL A 232 -22.14 9.83 1.87
CA VAL A 232 -23.27 9.87 0.95
C VAL A 232 -22.77 10.13 -0.47
N LYS A 233 -21.85 11.09 -0.62
CA LYS A 233 -21.33 11.40 -1.95
C LYS A 233 -20.62 10.19 -2.55
N THR A 234 -19.79 9.53 -1.76
CA THR A 234 -19.07 8.36 -2.28
C THR A 234 -20.05 7.28 -2.71
N ILE A 235 -21.02 6.95 -1.87
CA ILE A 235 -21.94 5.87 -2.19
C ILE A 235 -22.76 6.22 -3.43
N VAL A 236 -23.26 7.45 -3.51
CA VAL A 236 -24.11 7.82 -4.64
C VAL A 236 -23.29 7.80 -5.94
N GLU A 237 -22.06 8.32 -5.90
CA GLU A 237 -21.25 8.34 -7.12
C GLU A 237 -20.78 6.95 -7.52
N ASN A 238 -20.65 6.03 -6.57
CA ASN A 238 -20.20 4.68 -6.90
C ASN A 238 -21.37 3.77 -7.29
N PHE A 239 -22.60 4.12 -6.93
CA PHE A 239 -23.74 3.22 -7.10
C PHE A 239 -23.73 2.48 -8.42
N PRO A 240 -23.50 3.12 -9.58
CA PRO A 240 -23.50 2.35 -10.83
C PRO A 240 -22.56 1.15 -10.79
N GLU A 241 -21.38 1.30 -10.17
CA GLU A 241 -20.47 0.17 -10.04
C GLU A 241 -21.07 -0.93 -9.17
N ILE A 242 -21.74 -0.54 -8.08
CA ILE A 242 -22.31 -1.55 -7.17
C ILE A 242 -23.34 -2.39 -7.90
N LYS A 243 -24.21 -1.74 -8.67
CA LYS A 243 -25.26 -2.47 -9.37
C LYS A 243 -24.66 -3.54 -10.27
N LYS A 244 -23.52 -3.26 -10.90
CA LYS A 244 -22.88 -4.26 -11.75
C LYS A 244 -22.60 -5.53 -10.96
N GLU A 245 -22.18 -5.37 -9.70
CA GLU A 245 -21.96 -6.54 -8.84
C GLU A 245 -23.23 -7.30 -8.56
N ALA A 246 -24.40 -6.68 -8.79
CA ALA A 246 -25.66 -7.38 -8.54
C ALA A 246 -25.79 -8.62 -9.41
N GLU A 247 -25.39 -8.51 -10.68
CA GLU A 247 -25.41 -9.67 -11.56
C GLU A 247 -24.56 -10.80 -10.99
N LYS A 248 -23.37 -10.46 -10.45
CA LYS A 248 -22.56 -11.45 -9.77
C LYS A 248 -23.32 -12.11 -8.63
N LEU A 249 -24.24 -11.38 -8.00
CA LEU A 249 -25.08 -11.96 -6.96
C LEU A 249 -26.00 -13.01 -7.56
N THR A 250 -26.30 -14.04 -6.77
CA THR A 250 -27.11 -15.13 -7.27
C THR A 250 -28.51 -14.64 -7.62
N PRO A 251 -29.14 -15.21 -8.65
CA PRO A 251 -30.55 -14.90 -8.92
C PRO A 251 -31.53 -15.56 -7.96
N GLU A 252 -31.04 -16.34 -6.99
CA GLU A 252 -31.94 -17.01 -6.06
C GLU A 252 -32.76 -16.01 -5.24
N GLN A 253 -32.17 -14.85 -4.94
CA GLN A 253 -32.84 -13.83 -4.14
C GLN A 253 -33.02 -12.50 -4.87
N LYS A 254 -32.83 -12.48 -6.19
CA LYS A 254 -33.01 -11.23 -6.93
C LYS A 254 -34.40 -10.64 -6.74
N ALA A 255 -35.38 -11.48 -6.42
CA ALA A 255 -36.73 -10.97 -6.15
C ALA A 255 -36.70 -10.00 -4.97
N LYS A 256 -35.93 -10.32 -3.93
CA LYS A 256 -35.86 -9.44 -2.77
C LYS A 256 -35.34 -8.06 -3.16
N LEU A 257 -34.23 -8.01 -3.90
CA LEU A 257 -33.66 -6.74 -4.31
C LEU A 257 -34.62 -5.97 -5.21
N ALA A 258 -35.24 -6.67 -6.15
CA ALA A 258 -36.18 -6.01 -7.06
C ALA A 258 -37.35 -5.41 -6.28
N ALA A 259 -37.90 -6.16 -5.33
CA ALA A 259 -39.00 -5.65 -4.52
C ALA A 259 -38.55 -4.45 -3.70
N LEU A 260 -37.38 -4.54 -3.08
CA LEU A 260 -36.90 -3.42 -2.26
C LEU A 260 -36.75 -2.17 -3.11
N GLU A 261 -36.24 -2.32 -4.33
CA GLU A 261 -36.17 -1.18 -5.23
C GLU A 261 -37.56 -0.67 -5.58
N ALA A 262 -38.51 -1.58 -5.79
CA ALA A 262 -39.85 -1.18 -6.19
C ALA A 262 -40.48 -0.25 -5.16
N GLN A 263 -40.42 -0.64 -3.89
CA GLN A 263 -40.96 0.22 -2.84
C GLN A 263 -40.11 1.47 -2.66
N LEU A 264 -38.82 1.38 -3.00
CA LEU A 264 -37.92 2.52 -2.90
C LEU A 264 -37.93 3.40 -4.14
N ALA A 265 -38.89 3.20 -5.05
CA ALA A 265 -38.94 4.01 -6.26
C ALA A 265 -39.00 5.49 -5.93
N ASP A 266 -39.78 5.87 -4.93
CA ASP A 266 -39.84 7.25 -4.49
C ASP A 266 -38.53 7.61 -3.77
N LEU A 267 -38.36 8.91 -3.50
CA LEU A 267 -37.11 9.41 -2.94
C LEU A 267 -35.97 9.02 -3.87
N PRO A 268 -35.92 9.60 -5.07
CA PRO A 268 -35.03 9.08 -6.11
C PRO A 268 -33.59 8.82 -5.68
N GLU A 269 -32.89 9.86 -5.20
CA GLU A 269 -31.45 9.78 -4.97
C GLU A 269 -31.07 9.75 -3.50
N GLU A 270 -31.62 10.63 -2.68
CA GLU A 270 -31.19 10.72 -1.29
C GLU A 270 -31.39 9.42 -0.53
N LEU A 271 -32.55 8.77 -0.70
CA LEU A 271 -32.86 7.55 0.01
C LEU A 271 -32.65 6.30 -0.85
N ARG A 272 -33.14 6.32 -2.09
CA ARG A 272 -33.08 5.13 -2.93
C ARG A 272 -31.63 4.70 -3.15
N LYS A 273 -30.77 5.64 -3.53
CA LYS A 273 -29.39 5.29 -3.84
C LYS A 273 -28.70 4.65 -2.64
N VAL A 274 -28.73 5.34 -1.50
CA VAL A 274 -28.04 4.83 -0.32
C VAL A 274 -28.69 3.54 0.16
N LEU A 275 -30.02 3.49 0.19
CA LEU A 275 -30.70 2.30 0.69
C LEU A 275 -30.34 1.07 -0.15
N LEU A 276 -30.39 1.21 -1.47
CA LEU A 276 -30.05 0.08 -2.33
C LEU A 276 -28.57 -0.28 -2.21
N SER A 277 -27.69 0.72 -2.21
CA SER A 277 -26.27 0.43 -2.10
C SER A 277 -25.90 -0.18 -0.77
N MET A 278 -26.72 0.00 0.25
CA MET A 278 -26.48 -0.63 1.55
C MET A 278 -27.05 -2.05 1.60
N TYR A 279 -28.28 -2.22 1.14
CA TYR A 279 -28.88 -3.55 1.14
C TYR A 279 -28.08 -4.50 0.25
N LEU A 280 -27.65 -4.02 -0.92
CA LEU A 280 -26.93 -4.89 -1.85
C LEU A 280 -25.61 -5.34 -1.25
N THR A 281 -24.84 -4.41 -0.69
CA THR A 281 -23.56 -4.79 -0.10
C THR A 281 -23.77 -5.72 1.08
N GLY A 282 -24.76 -5.46 1.91
CA GLY A 282 -25.02 -6.37 3.02
C GLY A 282 -25.35 -7.77 2.54
N LEU A 283 -26.25 -7.88 1.57
CA LEU A 283 -26.64 -9.19 1.07
C LEU A 283 -25.45 -9.90 0.43
N LEU A 284 -24.64 -9.18 -0.34
CA LEU A 284 -23.57 -9.80 -1.11
C LEU A 284 -22.39 -10.22 -0.24
N TYR A 285 -22.04 -9.44 0.79
CA TYR A 285 -20.84 -9.73 1.56
C TYR A 285 -21.11 -10.31 2.93
N GLY A 286 -22.35 -10.29 3.41
CA GLY A 286 -22.69 -11.01 4.62
C GLY A 286 -23.06 -12.44 4.29
N GLY A 287 -24.10 -12.60 3.47
CA GLY A 287 -24.47 -13.90 2.94
C GLY A 287 -24.36 -15.04 3.93
N SER A 288 -23.51 -16.01 3.62
CA SER A 288 -23.26 -17.14 4.49
C SER A 288 -21.79 -17.50 4.40
N GLU A 289 -21.44 -18.69 4.91
CA GLU A 289 -20.05 -19.12 4.88
C GLU A 289 -19.52 -19.22 3.45
N GLU A 290 -20.39 -19.52 2.49
CA GLU A 290 -19.93 -19.80 1.13
C GLU A 290 -19.16 -18.61 0.56
N ASN A 291 -19.71 -17.40 0.67
CA ASN A 291 -19.06 -16.23 0.11
C ASN A 291 -18.11 -15.55 1.11
N ARG A 292 -18.50 -15.51 2.39
CA ARG A 292 -17.65 -14.87 3.38
C ARG A 292 -16.31 -15.60 3.50
N LYS A 293 -16.33 -16.93 3.49
CA LYS A 293 -15.09 -17.69 3.59
C LYS A 293 -14.19 -17.40 2.39
N ARG A 294 -14.76 -17.38 1.19
CA ARG A 294 -13.97 -17.09 0.01
C ARG A 294 -13.36 -15.70 0.09
N ALA A 295 -14.15 -14.71 0.52
CA ALA A 295 -13.64 -13.35 0.61
C ALA A 295 -12.50 -13.25 1.62
N ILE A 296 -12.67 -13.85 2.80
CA ILE A 296 -11.63 -13.75 3.81
C ILE A 296 -10.37 -14.49 3.35
N GLU A 297 -10.55 -15.64 2.70
CA GLU A 297 -9.38 -16.37 2.20
C GLU A 297 -8.64 -15.55 1.15
N LYS A 298 -9.37 -14.91 0.25
CA LYS A 298 -8.71 -14.08 -0.77
C LYS A 298 -7.96 -12.93 -0.12
N ALA A 299 -8.59 -12.25 0.83
CA ALA A 299 -7.92 -11.15 1.51
C ALA A 299 -6.67 -11.62 2.22
N ALA A 300 -6.77 -12.74 2.93
CA ALA A 300 -5.62 -13.25 3.67
C ALA A 300 -4.49 -13.64 2.72
N ARG A 301 -4.83 -14.25 1.58
CA ARG A 301 -3.80 -14.64 0.63
C ARG A 301 -3.09 -13.42 0.06
N THR A 302 -3.86 -12.40 -0.32
CA THR A 302 -3.23 -11.18 -0.85
C THR A 302 -2.33 -10.53 0.19
N LEU A 303 -2.84 -10.42 1.42
CA LEU A 303 -2.07 -9.83 2.50
C LEU A 303 -0.78 -10.61 2.74
N SER A 304 -0.88 -11.94 2.81
CA SER A 304 0.28 -12.77 3.06
C SER A 304 1.30 -12.63 1.95
N ALA A 305 0.85 -12.61 0.70
CA ALA A 305 1.79 -12.43 -0.41
C ALA A 305 2.52 -11.11 -0.26
N ILE A 306 1.77 -10.01 -0.11
CA ILE A 306 2.39 -8.69 -0.06
C ILE A 306 3.41 -8.63 1.07
N LEU A 307 3.02 -9.07 2.25
CA LEU A 307 3.92 -9.03 3.41
C LEU A 307 5.13 -9.93 3.20
N LEU A 308 4.89 -11.22 3.05
CA LEU A 308 5.96 -12.20 2.99
C LEU A 308 6.99 -11.84 1.93
N ALA A 309 6.55 -11.33 0.78
CA ALA A 309 7.50 -10.99 -0.27
C ALA A 309 8.56 -10.02 0.26
N PHE A 310 8.11 -8.90 0.82
CA PHE A 310 9.04 -7.91 1.33
C PHE A 310 9.85 -8.46 2.50
N ILE A 311 9.16 -9.15 3.42
CA ILE A 311 9.81 -9.64 4.64
C ILE A 311 10.91 -10.63 4.33
N LEU A 312 10.77 -11.42 3.27
CA LEU A 312 11.77 -12.41 2.90
C LEU A 312 12.82 -11.86 1.95
N THR A 313 12.51 -10.81 1.19
CA THR A 313 13.49 -10.23 0.29
C THR A 313 14.37 -9.19 0.95
N TRP A 314 13.95 -8.60 2.07
CA TRP A 314 14.70 -7.52 2.70
C TRP A 314 15.45 -7.98 3.94
N THR A 315 15.53 -9.29 4.14
CA THR A 315 16.22 -9.84 5.30
C THR A 315 17.63 -10.39 4.98
N PRO A 316 17.97 -10.44 3.68
CA PRO A 316 19.28 -10.95 3.26
C PRO A 316 20.41 -9.97 3.58
N TYR A 317 20.03 -8.81 4.09
CA TYR A 317 20.98 -7.76 4.45
C TYR A 317 20.88 -7.36 5.94
N ASN A 318 19.66 -7.19 6.45
CA ASN A 318 19.44 -6.81 7.84
C ASN A 318 20.10 -7.74 8.86
N ILE A 319 19.84 -9.03 8.74
CA ILE A 319 20.44 -10.01 9.65
C ILE A 319 21.94 -10.16 9.43
N MET A 320 22.39 -10.18 8.17
CA MET A 320 23.80 -10.31 7.86
C MET A 320 24.62 -9.12 8.34
N VAL A 321 24.02 -7.94 8.47
CA VAL A 321 24.73 -6.79 9.00
C VAL A 321 24.56 -6.68 10.51
N LEU A 322 23.48 -7.20 11.07
CA LEU A 322 23.37 -7.35 12.51
C LEU A 322 24.43 -8.28 13.08
N VAL A 323 24.70 -9.40 12.41
CA VAL A 323 25.78 -10.28 12.87
C VAL A 323 27.13 -9.60 12.67
N SER A 324 27.24 -8.77 11.62
CA SER A 324 28.51 -8.22 11.19
C SER A 324 29.26 -7.58 12.35
N THR A 325 28.56 -6.78 13.15
CA THR A 325 29.13 -6.15 14.33
C THR A 325 28.86 -7.02 15.56
N PHE A 326 28.69 -8.33 15.35
CA PHE A 326 28.43 -9.26 16.43
C PHE A 326 29.41 -10.43 16.39
N CYS A 327 29.85 -10.81 15.20
CA CYS A 327 30.75 -11.95 15.02
C CYS A 327 31.99 -11.59 14.21
N LYS A 328 32.38 -10.32 14.20
CA LYS A 328 33.59 -9.86 13.51
C LYS A 328 33.46 -10.27 12.05
N ASP A 329 34.44 -10.97 11.47
CA ASP A 329 34.37 -11.42 10.08
C ASP A 329 33.74 -12.81 10.05
N CYS A 330 32.41 -12.84 10.09
CA CYS A 330 31.66 -14.09 10.12
C CYS A 330 31.05 -14.45 8.77
N VAL A 331 30.88 -13.48 7.88
CA VAL A 331 30.21 -13.69 6.60
C VAL A 331 31.25 -13.75 5.49
N PRO A 332 30.99 -14.50 4.41
CA PRO A 332 31.90 -14.45 3.26
C PRO A 332 31.59 -13.25 2.37
N GLU A 333 32.62 -12.51 1.99
CA GLU A 333 32.43 -11.30 1.19
C GLU A 333 31.65 -11.61 -0.08
N THR A 334 31.83 -12.82 -0.62
CA THR A 334 31.09 -13.22 -1.80
C THR A 334 29.58 -13.26 -1.56
N LEU A 335 29.15 -13.46 -0.32
CA LEU A 335 27.72 -13.55 -0.02
C LEU A 335 27.06 -12.19 0.14
N TRP A 336 27.79 -11.23 0.70
CA TRP A 336 27.30 -9.88 0.93
C TRP A 336 26.63 -9.29 -0.31
N GLU A 337 27.26 -9.48 -1.46
CA GLU A 337 26.76 -8.98 -2.73
C GLU A 337 25.45 -9.64 -3.12
N LEU A 338 25.13 -10.80 -2.56
CA LEU A 338 23.85 -11.44 -2.85
C LEU A 338 22.70 -10.73 -2.14
N GLY A 339 22.85 -10.41 -0.86
CA GLY A 339 21.83 -9.64 -0.18
C GLY A 339 21.70 -8.24 -0.75
N TYR A 340 22.84 -7.67 -1.16
CA TYR A 340 22.85 -6.35 -1.75
C TYR A 340 21.96 -6.36 -2.99
N TRP A 341 22.08 -7.41 -3.80
CA TRP A 341 21.28 -7.53 -5.00
C TRP A 341 19.82 -7.87 -4.66
N LEU A 342 19.61 -8.59 -3.56
CA LEU A 342 18.25 -8.97 -3.17
C LEU A 342 17.43 -7.74 -2.79
N CYS A 343 18.05 -6.76 -2.15
CA CYS A 343 17.31 -5.55 -1.80
C CYS A 343 16.76 -4.86 -3.05
N TYR A 344 17.63 -4.72 -4.06
CA TYR A 344 17.24 -4.13 -5.32
C TYR A 344 16.14 -4.97 -5.95
N VAL A 345 16.28 -6.29 -5.84
CA VAL A 345 15.29 -7.22 -6.38
C VAL A 345 13.93 -6.90 -5.78
N ASN A 346 13.88 -6.68 -4.47
CA ASN A 346 12.65 -6.22 -3.85
C ASN A 346 12.16 -4.96 -4.53
N SER A 347 13.06 -3.98 -4.70
CA SER A 347 12.65 -2.71 -5.28
C SER A 347 12.06 -2.91 -6.68
N THR A 348 12.39 -4.04 -7.32
CA THR A 348 11.84 -4.32 -8.65
C THR A 348 10.43 -4.88 -8.56
N ILE A 349 10.24 -5.93 -7.76
CA ILE A 349 8.94 -6.59 -7.69
C ILE A 349 7.88 -5.64 -7.14
N ASN A 350 8.28 -4.67 -6.32
CA ASN A 350 7.34 -3.84 -5.57
C ASN A 350 6.28 -3.18 -6.44
N PRO A 351 6.61 -2.49 -7.53
CA PRO A 351 5.55 -1.93 -8.37
C PRO A 351 4.61 -3.00 -8.90
N MET A 352 5.14 -4.16 -9.27
CA MET A 352 4.29 -5.22 -9.80
C MET A 352 3.31 -5.72 -8.76
N CYS A 353 3.75 -5.86 -7.51
CA CYS A 353 2.91 -6.42 -6.47
C CYS A 353 2.05 -5.37 -5.76
N TYR A 354 2.26 -4.08 -6.03
CA TYR A 354 1.42 -3.06 -5.42
C TYR A 354 0.48 -2.36 -6.40
N ALA A 355 0.91 -2.08 -7.63
CA ALA A 355 0.14 -1.27 -8.56
C ALA A 355 -0.79 -2.09 -9.45
N LEU A 356 -0.29 -3.18 -10.03
CA LEU A 356 -1.12 -3.97 -10.95
C LEU A 356 -2.35 -4.52 -10.25
N CYS A 357 -2.24 -4.87 -8.97
CA CYS A 357 -3.35 -5.49 -8.27
C CYS A 357 -4.61 -4.64 -8.35
N ASN A 358 -4.46 -3.33 -8.43
CA ASN A 358 -5.63 -2.45 -8.47
C ASN A 358 -6.55 -2.80 -9.63
N LYS A 359 -5.99 -3.33 -10.73
CA LYS A 359 -6.68 -3.81 -11.91
C LYS A 359 -7.17 -2.68 -12.81
N ALA A 360 -7.07 -1.41 -12.39
CA ALA A 360 -7.29 -0.33 -13.33
C ALA A 360 -6.03 -0.04 -14.13
N PHE A 361 -4.86 -0.26 -13.52
CA PHE A 361 -3.61 -0.23 -14.26
C PHE A 361 -3.43 -1.49 -15.08
N ARG A 362 -3.97 -2.62 -14.63
CA ARG A 362 -3.73 -3.89 -15.31
C ARG A 362 -4.02 -3.78 -16.80
N ASP A 363 -5.10 -3.08 -17.16
CA ASP A 363 -5.45 -2.91 -18.57
C ASP A 363 -4.90 -1.61 -19.15
N THR A 364 -4.82 -0.56 -18.35
CA THR A 364 -4.35 0.73 -18.86
C THR A 364 -2.90 0.65 -19.30
N PHE A 365 -2.05 -0.01 -18.51
CA PHE A 365 -0.65 -0.15 -18.90
C PHE A 365 -0.51 -0.94 -20.18
N ARG A 366 -1.27 -2.03 -20.32
CA ARG A 366 -1.22 -2.82 -21.55
C ARG A 366 -1.68 -2.00 -22.75
N LEU A 367 -2.77 -1.25 -22.59
CA LEU A 367 -3.25 -0.42 -23.69
C LEU A 367 -2.22 0.62 -24.09
N LEU A 368 -1.58 1.25 -23.11
CA LEU A 368 -0.53 2.21 -23.40
C LEU A 368 0.65 1.55 -24.10
N LEU A 369 1.00 0.33 -23.68
CA LEU A 369 2.08 -0.39 -24.32
C LEU A 369 1.77 -0.68 -25.78
N LEU A 370 0.53 -1.09 -26.06
CA LEU A 370 0.11 -1.29 -27.44
C LEU A 370 0.00 0.03 -28.21
N CYS A 371 0.08 1.16 -27.53
CA CYS A 371 0.02 2.51 -28.07
C CYS A 371 -1.41 2.92 -28.44
N ARG A 372 -2.38 2.03 -28.31
CA ARG A 372 -3.77 2.36 -28.66
C ARG A 372 -4.63 2.38 -27.40
N THR B 1 -36.16 6.06 15.39
CA THR B 1 -35.87 6.05 16.85
C THR B 1 -34.37 6.06 17.10
N PRO B 2 -33.95 6.44 18.32
CA PRO B 2 -32.52 6.56 18.59
C PRO B 2 -31.72 5.32 18.25
N GLU B 3 -32.15 4.17 18.79
CA GLU B 3 -31.43 2.92 18.52
C GLU B 3 -31.48 2.57 17.04
N ASN B 4 -32.63 2.79 16.40
CA ASN B 4 -32.73 2.53 14.97
C ASN B 4 -31.77 3.39 14.18
N ILE B 5 -31.68 4.67 14.52
CA ILE B 5 -30.75 5.56 13.82
C ILE B 5 -29.32 5.12 14.07
N ARG B 6 -29.01 4.68 15.30
CA ARG B 6 -27.67 4.19 15.58
C ARG B 6 -27.34 3.00 14.70
N PHE B 7 -28.28 2.06 14.57
CA PHE B 7 -28.04 0.90 13.71
C PHE B 7 -27.87 1.32 12.27
N VAL B 8 -28.66 2.29 11.81
CA VAL B 8 -28.52 2.76 10.43
C VAL B 8 -27.15 3.36 10.19
N PHE B 9 -26.66 4.15 11.16
CA PHE B 9 -25.33 4.72 11.03
C PHE B 9 -24.28 3.62 11.01
N ALA B 10 -24.44 2.60 11.84
CA ALA B 10 -23.50 1.48 11.81
C ALA B 10 -23.51 0.82 10.43
N ALA B 11 -24.70 0.64 9.85
CA ALA B 11 -24.80 0.00 8.55
C ALA B 11 -24.13 0.83 7.47
N VAL B 12 -24.32 2.15 7.48
CA VAL B 12 -23.69 2.98 6.46
C VAL B 12 -22.18 3.01 6.64
N LYS B 13 -21.72 3.02 7.89
CA LYS B 13 -20.28 2.93 8.14
C LYS B 13 -19.73 1.62 7.58
N ASP B 14 -20.45 0.52 7.78
CA ASP B 14 -19.97 -0.77 7.26
C ASP B 14 -19.97 -0.77 5.74
N THR B 15 -20.97 -0.15 5.12
CA THR B 15 -20.97 -0.06 3.66
C THR B 15 -19.77 0.72 3.16
N ILE B 16 -19.44 1.83 3.82
CA ILE B 16 -18.26 2.59 3.44
C ILE B 16 -17.00 1.75 3.64
N LEU B 17 -16.97 0.95 4.70
CA LEU B 17 -15.81 0.09 4.94
C LEU B 17 -15.65 -0.92 3.81
N GLN B 18 -16.75 -1.54 3.39
CA GLN B 18 -16.67 -2.49 2.29
C GLN B 18 -16.21 -1.80 1.00
N LEU B 19 -16.72 -0.59 0.75
CA LEU B 19 -16.26 0.16 -0.41
C LEU B 19 -14.76 0.40 -0.35
N ASN B 20 -14.27 0.81 0.82
CA ASN B 20 -12.84 1.10 0.96
C ASN B 20 -12.01 -0.16 0.73
N LEU B 21 -12.46 -1.30 1.27
CA LEU B 21 -11.75 -2.54 1.01
C LEU B 21 -11.75 -2.86 -0.48
N LYS B 22 -12.87 -2.63 -1.16
CA LYS B 22 -12.94 -2.91 -2.59
C LYS B 22 -11.96 -2.04 -3.36
N GLU B 23 -11.86 -0.75 -2.99
CA GLU B 23 -11.00 0.17 -3.71
C GLU B 23 -9.52 -0.20 -3.60
N TYR B 24 -9.14 -1.00 -2.61
CA TYR B 24 -7.77 -1.46 -2.47
C TYR B 24 -7.55 -2.82 -3.13
N ASN B 25 -8.61 -3.44 -3.64
CA ASN B 25 -8.51 -4.79 -4.18
C ASN B 25 -7.97 -5.74 -3.13
N LEU B 26 -8.21 -5.42 -1.86
CA LEU B 26 -7.83 -6.25 -0.72
C LEU B 26 -9.02 -6.99 -0.14
N VAL B 27 -10.15 -6.97 -0.83
CA VAL B 27 -11.41 -7.53 -0.34
C VAL B 27 -11.19 -8.84 0.40
#